data_6OJ1
#
_entry.id   6OJ1
#
_cell.length_a   44.640
_cell.length_b   47.310
_cell.length_c   152.510
_cell.angle_alpha   90.000
_cell.angle_beta   90.000
_cell.angle_gamma   90.000
#
_symmetry.space_group_name_H-M   'P 21 21 21'
#
loop_
_entity.id
_entity.type
_entity.pdbx_description
1 polymer 'Endo alpha-1,4 polygalactosaminidase'
2 branched alpha-D-mannopyranose-(1-2)-[alpha-D-mannopyranose-(1-6)]alpha-D-mannopyranose-(1-3)-[alpha-D-mannopyranose-(1-3)-alpha-D-mannopyranose-(1-6)]beta-D-mannopyranose-(1-4)-2-acetamido-2-deoxy-beta-D-glucopyranose-(1-4)-2-acetamido-2-deoxy-beta-D-glucopyranose
3 branched 2-acetamido-2-deoxy-beta-D-glucopyranose-(1-4)-2-acetamido-2-deoxy-beta-D-glucopyranose
4 branched beta-D-mannopyranose-(1-4)-2-acetamido-2-deoxy-beta-D-glucopyranose-(1-4)-2-acetamido-2-deoxy-beta-D-glucopyranose
5 non-polymer 2-acetamido-2-deoxy-beta-D-glucopyranose
6 non-polymer 1,2-ETHANEDIOL
7 non-polymer 'POTASSIUM ION'
8 water water
#
_entity_poly.entity_id   1
_entity_poly.type   'polypeptide(L)'
_entity_poly.pdbx_seq_one_letter_code
;GSHMGLGGGGGGEGEEGSGGETTPPEGNYTTAKWQPAVGTKWQIELLYALNDTSVDAEIYDIDLFINDKSTIAGLQRAGR
KVICYFSAGSYENWRPDKDKFKDSDLGHDLDDWPGEKWLNISSANVRQIMLDRLDMARDKGCDGVDPDNVDGYDNDNGLD
LTQADSISFVNFLANAAHARNMSIGLKNAGDIIPSVIKNMQWSVNEQCAQYNECDTYAVFPQNGKPVFHIEYPKGDKTNN
DLSVTASQKNAACDFAGSANFSTVIKNMNLNNWVEYC
;
_entity_poly.pdbx_strand_id   A
#
# COMPACT_ATOMS: atom_id res chain seq x y z
N GLY A 27 13.15 10.95 -20.06
CA GLY A 27 12.66 10.41 -18.81
C GLY A 27 11.22 9.92 -18.88
N ASN A 28 11.04 8.61 -18.88
CA ASN A 28 9.72 8.01 -19.06
C ASN A 28 9.02 7.81 -17.71
N TYR A 29 8.96 8.89 -16.96
CA TYR A 29 8.29 8.90 -15.68
C TYR A 29 7.71 10.29 -15.48
N THR A 30 6.78 10.40 -14.53
CA THR A 30 6.18 11.67 -14.17
C THR A 30 6.56 12.00 -12.73
N THR A 31 6.44 13.27 -12.36
CA THR A 31 6.94 13.73 -11.08
C THR A 31 5.79 13.99 -10.11
N ALA A 32 6.11 13.85 -8.82
CA ALA A 32 5.20 14.16 -7.73
C ALA A 32 5.76 15.31 -6.91
N LYS A 33 4.89 16.16 -6.40
CA LYS A 33 5.37 17.27 -5.59
C LYS A 33 5.67 16.86 -4.16
N TRP A 34 4.94 15.89 -3.60
CA TRP A 34 5.17 15.44 -2.24
C TRP A 34 6.07 14.21 -2.25
N GLN A 35 7.32 14.39 -1.79
CA GLN A 35 8.25 13.28 -1.60
C GLN A 35 8.59 13.18 -0.13
N PRO A 36 7.94 12.29 0.63
CA PRO A 36 8.25 12.16 2.06
C PRO A 36 9.69 11.72 2.28
N ALA A 37 10.24 12.11 3.43
CA ALA A 37 11.65 11.82 3.71
C ALA A 37 11.82 10.38 4.17
N VAL A 38 13.01 9.83 3.89
CA VAL A 38 13.40 8.56 4.48
C VAL A 38 13.24 8.64 5.99
N GLY A 39 12.68 7.59 6.59
CA GLY A 39 12.53 7.53 8.02
C GLY A 39 11.29 8.17 8.59
N THR A 40 10.42 8.72 7.75
CA THR A 40 9.22 9.39 8.27
C THR A 40 8.34 8.39 8.99
N LYS A 41 7.95 8.74 10.22
CA LYS A 41 7.08 7.87 11.01
C LYS A 41 5.68 7.83 10.43
N TRP A 42 5.09 6.64 10.41
CA TRP A 42 3.77 6.49 9.83
C TRP A 42 2.90 5.61 10.70
N GLN A 43 1.61 5.61 10.38
CA GLN A 43 0.60 4.73 10.93
C GLN A 43 -0.22 4.23 9.76
N ILE A 44 -0.73 3.01 9.86
CA ILE A 44 -1.62 2.45 8.86
C ILE A 44 -2.81 1.82 9.58
N GLU A 45 -4.00 2.08 9.07
CA GLU A 45 -5.22 1.53 9.69
C GLU A 45 -6.22 1.33 8.56
N LEU A 46 -6.46 0.07 8.19
CA LEU A 46 -7.27 -0.27 7.03
C LEU A 46 -8.57 -0.99 7.37
N LEU A 47 -8.74 -1.42 8.62
CA LEU A 47 -9.88 -2.30 8.91
C LEU A 47 -11.21 -1.55 8.98
N TYR A 48 -11.23 -0.34 9.56
CA TYR A 48 -12.46 0.41 9.73
C TYR A 48 -12.16 1.89 9.53
N ALA A 49 -13.20 2.71 9.52
CA ALA A 49 -13.01 4.15 9.40
C ALA A 49 -12.07 4.62 10.50
N LEU A 50 -11.12 5.50 10.16
CA LEU A 50 -10.13 5.93 11.15
C LEU A 50 -10.81 6.65 12.30
N ASN A 51 -10.59 6.15 13.53
CA ASN A 51 -11.20 6.76 14.70
C ASN A 51 -10.20 6.93 15.83
N ASP A 52 -8.92 6.97 15.50
CA ASP A 52 -7.87 7.20 16.49
C ASP A 52 -6.76 7.96 15.80
N THR A 53 -6.60 9.24 16.14
CA THR A 53 -5.50 10.03 15.60
C THR A 53 -4.48 10.37 16.68
N SER A 54 -4.50 9.61 17.78
CA SER A 54 -3.62 9.83 18.92
C SER A 54 -2.20 9.44 18.62
N VAL A 55 -1.99 8.62 17.59
CA VAL A 55 -0.66 8.18 17.23
C VAL A 55 0.09 9.36 16.62
N ASP A 56 1.25 9.68 17.20
CA ASP A 56 2.05 10.81 16.74
C ASP A 56 2.91 10.38 15.55
N ALA A 57 2.24 10.17 14.42
CA ALA A 57 2.91 9.83 13.17
C ALA A 57 2.64 10.93 12.13
N GLU A 58 3.65 11.22 11.30
CA GLU A 58 3.49 12.27 10.30
C GLU A 58 2.60 11.83 9.15
N ILE A 59 2.53 10.53 8.86
CA ILE A 59 1.80 10.01 7.71
C ILE A 59 0.83 8.96 8.19
N TYR A 60 -0.43 9.05 7.75
CA TYR A 60 -1.44 8.04 8.01
C TYR A 60 -1.87 7.42 6.70
N ASP A 61 -1.82 6.08 6.62
CA ASP A 61 -2.28 5.30 5.46
C ASP A 61 -3.62 4.69 5.87
N ILE A 62 -4.71 5.11 5.20
CA ILE A 62 -6.05 4.69 5.59
C ILE A 62 -6.84 4.33 4.33
N ASP A 63 -7.94 3.60 4.55
CA ASP A 63 -8.72 3.09 3.43
C ASP A 63 -9.41 4.22 2.64
N LEU A 64 -9.29 4.15 1.31
CA LEU A 64 -9.86 5.16 0.43
C LEU A 64 -11.37 5.27 0.56
N PHE A 65 -12.06 4.13 0.63
CA PHE A 65 -13.51 4.15 0.50
C PHE A 65 -14.20 4.52 1.81
N ILE A 66 -13.74 3.96 2.93
CA ILE A 66 -14.53 4.05 4.15
C ILE A 66 -14.21 5.28 4.98
N ASN A 67 -13.24 6.10 4.55
CA ASN A 67 -12.93 7.34 5.24
C ASN A 67 -13.44 8.54 4.46
N ASP A 68 -14.03 9.51 5.16
CA ASP A 68 -14.62 10.64 4.46
C ASP A 68 -13.64 11.82 4.36
N LYS A 69 -14.03 12.77 3.52
CA LYS A 69 -13.23 13.97 3.28
C LYS A 69 -12.86 14.67 4.58
N SER A 70 -13.79 14.69 5.53
CA SER A 70 -13.58 15.43 6.78
C SER A 70 -12.48 14.78 7.62
N THR A 71 -12.38 13.45 7.61
CA THR A 71 -11.31 12.78 8.33
C THR A 71 -9.95 13.09 7.70
N ILE A 72 -9.88 13.07 6.38
CA ILE A 72 -8.64 13.34 5.68
C ILE A 72 -8.20 14.79 5.91
N ALA A 73 -9.13 15.74 5.74
CA ALA A 73 -8.80 17.14 5.99
C ALA A 73 -8.41 17.37 7.45
N GLY A 74 -9.06 16.66 8.37
CA GLY A 74 -8.72 16.83 9.78
C GLY A 74 -7.29 16.40 10.09
N LEU A 75 -6.83 15.32 9.47
CA LEU A 75 -5.43 14.92 9.59
C LEU A 75 -4.50 15.99 9.02
N GLN A 76 -4.84 16.54 7.86
CA GLN A 76 -3.98 17.54 7.24
C GLN A 76 -3.99 18.85 8.02
N ARG A 77 -5.13 19.21 8.62
CA ARG A 77 -5.16 20.37 9.51
C ARG A 77 -4.21 20.19 10.69
N ALA A 78 -3.98 18.95 11.13
CA ALA A 78 -3.04 18.64 12.19
C ALA A 78 -1.61 18.51 11.69
N GLY A 79 -1.34 18.82 10.42
CA GLY A 79 0.00 18.76 9.87
C GLY A 79 0.42 17.41 9.32
N ARG A 80 -0.49 16.47 9.18
CA ARG A 80 -0.14 15.14 8.73
C ARG A 80 -0.45 14.96 7.25
N LYS A 81 0.22 13.99 6.64
CA LYS A 81 -0.06 13.60 5.27
C LYS A 81 -0.91 12.33 5.27
N VAL A 82 -1.79 12.21 4.27
CA VAL A 82 -2.72 11.09 4.19
C VAL A 82 -2.48 10.33 2.90
N ILE A 83 -2.13 9.05 3.03
CA ILE A 83 -2.04 8.11 1.93
C ILE A 83 -3.32 7.31 1.93
N CYS A 84 -3.94 7.16 0.77
CA CYS A 84 -5.22 6.47 0.66
C CYS A 84 -4.99 5.11 0.02
N TYR A 85 -5.25 4.06 0.80
CA TYR A 85 -5.11 2.68 0.37
C TYR A 85 -6.28 2.26 -0.51
N PHE A 86 -6.00 1.52 -1.57
CA PHE A 86 -7.05 0.79 -2.27
C PHE A 86 -6.41 -0.39 -2.98
N SER A 87 -7.21 -1.37 -3.34
CA SER A 87 -6.70 -2.53 -4.04
C SER A 87 -6.77 -2.27 -5.53
N ALA A 88 -5.61 -2.24 -6.20
CA ALA A 88 -5.59 -2.06 -7.64
C ALA A 88 -5.57 -3.39 -8.39
N GLY A 89 -5.16 -4.47 -7.74
CA GLY A 89 -5.02 -5.74 -8.44
C GLY A 89 -5.98 -6.82 -8.00
N SER A 90 -6.89 -6.53 -7.06
CA SER A 90 -7.89 -7.49 -6.66
C SER A 90 -9.28 -6.88 -6.67
N TYR A 91 -10.25 -7.73 -7.05
CA TYR A 91 -11.66 -7.45 -6.87
C TYR A 91 -12.06 -7.75 -5.43
N GLU A 92 -12.68 -6.77 -4.76
CA GLU A 92 -13.19 -6.90 -3.40
C GLU A 92 -14.70 -6.75 -3.47
N ASN A 93 -15.43 -7.79 -3.06
CA ASN A 93 -16.87 -7.80 -3.32
C ASN A 93 -17.65 -6.91 -2.37
N TRP A 94 -16.99 -6.19 -1.47
CA TRP A 94 -17.70 -5.29 -0.58
C TRP A 94 -17.57 -3.82 -0.96
N ARG A 95 -16.93 -3.50 -2.09
CA ARG A 95 -16.73 -2.11 -2.43
C ARG A 95 -17.96 -1.55 -3.15
N PRO A 96 -18.22 -0.25 -3.02
CA PRO A 96 -19.43 0.32 -3.64
C PRO A 96 -19.36 0.39 -5.15
N ASP A 97 -18.18 0.20 -5.76
CA ASP A 97 -18.04 0.14 -7.21
C ASP A 97 -17.81 -1.27 -7.71
N LYS A 98 -18.16 -2.28 -6.89
CA LYS A 98 -17.85 -3.65 -7.32
C LYS A 98 -18.60 -4.03 -8.59
N ASP A 99 -19.78 -3.44 -8.81
CA ASP A 99 -20.58 -3.82 -9.98
C ASP A 99 -20.01 -3.27 -11.30
N LYS A 100 -19.00 -2.42 -11.25
CA LYS A 100 -18.35 -1.98 -12.48
C LYS A 100 -17.55 -3.09 -13.14
N PHE A 101 -17.06 -4.05 -12.34
CA PHE A 101 -16.19 -5.10 -12.87
C PHE A 101 -16.98 -6.10 -13.71
N LYS A 102 -16.37 -6.53 -14.81
CA LYS A 102 -16.98 -7.53 -15.68
C LYS A 102 -16.49 -8.92 -15.31
N ASP A 103 -17.27 -9.94 -15.71
CA ASP A 103 -16.86 -11.32 -15.47
C ASP A 103 -15.47 -11.57 -16.05
N SER A 104 -15.19 -11.00 -17.22
CA SER A 104 -13.90 -11.21 -17.87
C SER A 104 -12.76 -10.47 -17.18
N ASP A 105 -13.03 -9.58 -16.22
CA ASP A 105 -11.97 -8.94 -15.47
C ASP A 105 -11.42 -9.82 -14.36
N LEU A 106 -12.11 -10.90 -14.01
CA LEU A 106 -11.84 -11.61 -12.77
C LEU A 106 -11.08 -12.91 -13.00
N GLY A 107 -10.06 -13.14 -12.17
CA GLY A 107 -9.34 -14.41 -12.15
C GLY A 107 -9.66 -15.24 -10.91
N HIS A 108 -8.65 -15.93 -10.38
CA HIS A 108 -8.82 -16.86 -9.27
C HIS A 108 -8.98 -16.11 -7.94
N ASP A 109 -9.55 -16.80 -6.96
CA ASP A 109 -9.64 -16.25 -5.61
C ASP A 109 -8.24 -15.99 -5.05
N LEU A 110 -8.13 -14.95 -4.22
CA LEU A 110 -6.84 -14.70 -3.58
C LEU A 110 -6.46 -15.81 -2.59
N ASP A 111 -7.41 -16.29 -1.79
CA ASP A 111 -7.09 -17.52 -1.04
C ASP A 111 -8.39 -18.21 -0.63
N ASP A 112 -9.00 -18.85 -1.63
CA ASP A 112 -10.13 -19.79 -1.50
C ASP A 112 -11.44 -19.12 -1.11
N TRP A 113 -11.52 -17.79 -1.11
CA TRP A 113 -12.77 -17.09 -0.86
C TRP A 113 -13.14 -16.24 -2.06
N PRO A 114 -14.29 -16.46 -2.69
CA PRO A 114 -14.62 -15.72 -3.92
C PRO A 114 -14.87 -14.24 -3.70
N GLY A 115 -14.92 -13.79 -2.45
CA GLY A 115 -15.09 -12.37 -2.19
C GLY A 115 -13.90 -11.52 -2.56
N GLU A 116 -12.74 -12.13 -2.82
CA GLU A 116 -11.60 -11.38 -3.32
C GLU A 116 -10.91 -12.19 -4.41
N LYS A 117 -10.76 -11.58 -5.57
CA LYS A 117 -10.26 -12.24 -6.78
C LYS A 117 -9.20 -11.39 -7.47
N TRP A 118 -8.24 -12.06 -8.12
CA TRP A 118 -7.24 -11.38 -8.91
C TRP A 118 -7.89 -10.68 -10.12
N LEU A 119 -7.37 -9.50 -10.46
CA LEU A 119 -7.87 -8.75 -11.61
C LEU A 119 -6.96 -8.92 -12.82
N ASN A 120 -7.56 -8.87 -14.01
CA ASN A 120 -6.78 -8.68 -15.22
C ASN A 120 -6.40 -7.21 -15.28
N ILE A 121 -5.21 -6.90 -14.79
CA ILE A 121 -4.79 -5.50 -14.70
C ILE A 121 -4.48 -4.91 -16.05
N SER A 122 -4.48 -5.71 -17.12
CA SER A 122 -4.34 -5.18 -18.47
C SER A 122 -5.66 -4.79 -19.10
N SER A 123 -6.77 -5.18 -18.47
CA SER A 123 -8.09 -4.88 -18.98
C SER A 123 -8.35 -3.37 -18.99
N ALA A 124 -8.83 -2.85 -20.14
CA ALA A 124 -9.24 -1.44 -20.21
C ALA A 124 -10.28 -1.13 -19.15
N ASN A 125 -11.18 -2.08 -18.87
CA ASN A 125 -12.23 -1.81 -17.88
C ASN A 125 -11.67 -1.70 -16.48
N VAL A 126 -10.75 -2.61 -16.12
CA VAL A 126 -10.08 -2.52 -14.83
C VAL A 126 -9.32 -1.21 -14.71
N ARG A 127 -8.57 -0.85 -15.75
CA ARG A 127 -7.81 0.39 -15.71
C ARG A 127 -8.72 1.60 -15.54
N GLN A 128 -9.89 1.60 -16.21
CA GLN A 128 -10.80 2.73 -16.06
C GLN A 128 -11.39 2.78 -14.65
N ILE A 129 -11.69 1.62 -14.06
CA ILE A 129 -12.16 1.61 -12.67
C ILE A 129 -11.10 2.21 -11.75
N MET A 130 -9.83 1.84 -11.98
CA MET A 130 -8.77 2.40 -11.13
C MET A 130 -8.62 3.91 -11.34
N LEU A 131 -8.84 4.39 -12.56
CA LEU A 131 -8.87 5.84 -12.77
C LEU A 131 -10.01 6.48 -12.00
N ASP A 132 -11.18 5.84 -12.00
CA ASP A 132 -12.31 6.34 -11.19
C ASP A 132 -11.94 6.38 -9.70
N ARG A 133 -11.23 5.36 -9.21
CA ARG A 133 -10.84 5.34 -7.81
C ARG A 133 -9.79 6.42 -7.52
N LEU A 134 -8.88 6.67 -8.46
CA LEU A 134 -7.92 7.76 -8.28
C LEU A 134 -8.62 9.12 -8.29
N ASP A 135 -9.65 9.28 -9.12
CA ASP A 135 -10.48 10.48 -9.07
C ASP A 135 -11.05 10.66 -7.67
N MET A 136 -11.58 9.59 -7.09
CA MET A 136 -12.12 9.68 -5.74
C MET A 136 -11.05 10.08 -4.73
N ALA A 137 -9.87 9.46 -4.81
CA ALA A 137 -8.78 9.81 -3.90
C ALA A 137 -8.43 11.29 -4.03
N ARG A 138 -8.27 11.77 -5.26
CA ARG A 138 -8.01 13.20 -5.47
C ARG A 138 -9.12 14.06 -4.87
N ASP A 139 -10.37 13.71 -5.18
CA ASP A 139 -11.51 14.51 -4.72
C ASP A 139 -11.60 14.53 -3.20
N LYS A 140 -11.18 13.45 -2.53
CA LYS A 140 -11.22 13.41 -1.07
C LYS A 140 -10.03 14.11 -0.43
N GLY A 141 -9.05 14.53 -1.23
CA GLY A 141 -7.92 15.27 -0.71
C GLY A 141 -6.72 14.43 -0.34
N CYS A 142 -6.70 13.16 -0.74
CA CYS A 142 -5.57 12.27 -0.46
C CYS A 142 -4.28 12.90 -0.96
N ASP A 143 -3.23 12.80 -0.14
CA ASP A 143 -1.91 13.28 -0.56
C ASP A 143 -1.23 12.27 -1.46
N GLY A 144 -1.53 10.99 -1.28
CA GLY A 144 -0.93 9.94 -2.06
C GLY A 144 -1.83 8.74 -1.99
N VAL A 145 -1.49 7.71 -2.77
CA VAL A 145 -2.28 6.49 -2.81
C VAL A 145 -1.35 5.29 -2.64
N ASP A 146 -1.91 4.20 -2.11
CA ASP A 146 -1.19 2.97 -1.77
C ASP A 146 -1.92 1.82 -2.46
N PRO A 147 -1.58 1.53 -3.72
CA PRO A 147 -2.35 0.54 -4.52
C PRO A 147 -1.88 -0.88 -4.25
N ASP A 148 -2.81 -1.73 -3.80
CA ASP A 148 -2.48 -3.07 -3.33
C ASP A 148 -2.56 -4.08 -4.46
N ASN A 149 -1.89 -5.21 -4.23
CA ASN A 149 -2.03 -6.42 -5.04
C ASN A 149 -1.58 -6.22 -6.47
N VAL A 150 -0.45 -5.54 -6.62
CA VAL A 150 0.16 -5.39 -7.94
C VAL A 150 1.15 -6.51 -8.23
N ASP A 151 1.05 -7.61 -7.48
CA ASP A 151 1.98 -8.73 -7.56
C ASP A 151 1.26 -10.03 -7.93
N GLY A 152 0.21 -9.95 -8.74
CA GLY A 152 -0.52 -11.13 -9.16
C GLY A 152 0.36 -12.15 -9.85
N TYR A 153 1.39 -11.69 -10.57
CA TYR A 153 2.33 -12.58 -11.25
C TYR A 153 3.02 -13.55 -10.29
N ASP A 154 3.10 -13.20 -9.00
CA ASP A 154 3.75 -14.03 -8.01
C ASP A 154 2.75 -14.91 -7.26
N ASN A 155 1.57 -15.13 -7.83
CA ASN A 155 0.49 -15.82 -7.16
C ASN A 155 -0.31 -16.62 -8.18
N ASP A 156 -1.15 -17.52 -7.68
CA ASP A 156 -2.04 -18.31 -8.54
C ASP A 156 -3.20 -17.40 -8.95
N ASN A 157 -2.99 -16.64 -10.01
CA ASN A 157 -3.94 -15.61 -10.42
C ASN A 157 -4.93 -16.10 -11.46
N GLY A 158 -4.60 -17.18 -12.16
CA GLY A 158 -5.48 -17.74 -13.17
C GLY A 158 -5.62 -16.89 -14.41
N LEU A 159 -4.79 -15.86 -14.58
CA LEU A 159 -4.88 -14.98 -15.74
C LEU A 159 -3.57 -14.84 -16.49
N ASP A 160 -2.59 -15.70 -16.20
CA ASP A 160 -1.25 -15.63 -16.79
C ASP A 160 -0.65 -14.22 -16.67
N LEU A 161 -0.88 -13.59 -15.52
CA LEU A 161 -0.26 -12.31 -15.24
C LEU A 161 1.26 -12.42 -15.15
N THR A 162 1.96 -11.40 -15.67
CA THR A 162 3.40 -11.39 -15.73
C THR A 162 3.96 -10.16 -15.03
N GLN A 163 5.29 -10.19 -14.81
CA GLN A 163 5.97 -9.00 -14.29
C GLN A 163 5.79 -7.80 -15.21
N ALA A 164 5.89 -8.01 -16.53
CA ALA A 164 5.70 -6.90 -17.46
C ALA A 164 4.28 -6.33 -17.34
N ASP A 165 3.29 -7.18 -17.09
CA ASP A 165 1.93 -6.67 -16.89
C ASP A 165 1.88 -5.72 -15.69
N SER A 166 2.53 -6.11 -14.59
CA SER A 166 2.51 -5.28 -13.39
C SER A 166 3.29 -3.99 -13.60
N ILE A 167 4.41 -4.07 -14.32
CA ILE A 167 5.21 -2.88 -14.58
C ILE A 167 4.39 -1.87 -15.37
N SER A 168 3.73 -2.33 -16.45
CA SER A 168 2.88 -1.46 -17.25
C SER A 168 1.80 -0.84 -16.36
N PHE A 169 1.16 -1.67 -15.53
CA PHE A 169 0.03 -1.25 -14.71
C PHE A 169 0.48 -0.26 -13.64
N VAL A 170 1.60 -0.56 -12.98
CA VAL A 170 2.07 0.32 -11.90
C VAL A 170 2.48 1.66 -12.48
N ASN A 171 3.16 1.67 -13.63
CA ASN A 171 3.54 2.96 -14.20
C ASN A 171 2.32 3.72 -14.70
N PHE A 172 1.30 3.00 -15.21
CA PHE A 172 0.03 3.62 -15.56
C PHE A 172 -0.63 4.27 -14.35
N LEU A 173 -0.69 3.54 -13.23
CA LEU A 173 -1.25 4.10 -12.00
C LEU A 173 -0.45 5.31 -11.53
N ALA A 174 0.89 5.24 -11.63
CA ALA A 174 1.73 6.34 -11.15
C ALA A 174 1.53 7.60 -11.98
N ASN A 175 1.51 7.46 -13.30
CA ASN A 175 1.27 8.62 -14.15
C ASN A 175 -0.11 9.22 -13.90
N ALA A 176 -1.11 8.36 -13.67
CA ALA A 176 -2.46 8.84 -13.40
C ALA A 176 -2.55 9.53 -12.05
N ALA A 177 -1.90 8.96 -11.03
CA ALA A 177 -1.87 9.60 -9.72
C ALA A 177 -1.15 10.94 -9.80
N HIS A 178 0.01 10.97 -10.47
CA HIS A 178 0.74 12.23 -10.54
C HIS A 178 -0.06 13.28 -11.30
N ALA A 179 -0.85 12.85 -12.28
CA ALA A 179 -1.68 13.80 -13.04
C ALA A 179 -2.75 14.41 -12.18
N ARG A 180 -3.13 13.72 -11.11
CA ARG A 180 -4.10 14.20 -10.15
C ARG A 180 -3.44 14.81 -8.93
N ASN A 181 -2.14 15.11 -9.02
CA ASN A 181 -1.37 15.76 -7.95
C ASN A 181 -1.23 14.91 -6.70
N MET A 182 -1.18 13.58 -6.87
CA MET A 182 -0.97 12.69 -5.75
C MET A 182 0.31 11.88 -5.95
N SER A 183 0.94 11.54 -4.83
CA SER A 183 2.08 10.64 -4.81
C SER A 183 1.59 9.19 -4.78
N ILE A 184 2.53 8.27 -4.99
CA ILE A 184 2.22 6.84 -5.10
C ILE A 184 3.45 6.06 -4.65
N GLY A 185 3.24 4.80 -4.29
CA GLY A 185 4.36 3.93 -3.99
C GLY A 185 4.07 2.50 -4.42
N LEU A 186 5.13 1.68 -4.37
CA LEU A 186 5.05 0.28 -4.76
C LEU A 186 4.77 -0.59 -3.54
N LYS A 187 3.69 -1.37 -3.58
CA LYS A 187 3.34 -2.32 -2.53
C LYS A 187 4.04 -3.64 -2.82
N ASN A 188 5.01 -4.01 -1.98
CA ASN A 188 5.77 -5.27 -2.12
C ASN A 188 6.30 -5.37 -3.55
N ALA A 189 6.10 -6.49 -4.25
CA ALA A 189 6.45 -6.61 -5.67
C ALA A 189 7.92 -6.30 -5.91
N GLY A 190 8.79 -6.82 -5.04
CA GLY A 190 10.21 -6.48 -5.11
C GLY A 190 10.87 -6.75 -6.45
N ASP A 191 10.41 -7.78 -7.17
CA ASP A 191 11.06 -8.15 -8.43
C ASP A 191 10.98 -7.06 -9.49
N ILE A 192 9.97 -6.18 -9.43
CA ILE A 192 9.78 -5.16 -10.47
C ILE A 192 10.30 -3.79 -10.06
N ILE A 193 10.92 -3.67 -8.89
CA ILE A 193 11.41 -2.37 -8.42
C ILE A 193 12.20 -1.61 -9.48
N PRO A 194 13.21 -2.19 -10.15
CA PRO A 194 14.01 -1.39 -11.11
C PRO A 194 13.18 -0.73 -12.19
N SER A 195 12.06 -1.32 -12.56
CA SER A 195 11.28 -0.86 -13.70
C SER A 195 10.23 0.18 -13.35
N VAL A 196 9.99 0.44 -12.06
CA VAL A 196 8.96 1.38 -11.64
C VAL A 196 9.47 2.42 -10.64
N ILE A 197 10.67 2.22 -10.08
CA ILE A 197 11.08 3.02 -8.94
C ILE A 197 11.13 4.52 -9.26
N LYS A 198 11.52 4.89 -10.49
CA LYS A 198 11.60 6.32 -10.82
C LYS A 198 10.25 7.01 -10.70
N ASN A 199 9.16 6.26 -10.84
CA ASN A 199 7.81 6.79 -10.72
C ASN A 199 7.27 6.70 -9.31
N MET A 200 8.00 6.06 -8.39
CA MET A 200 7.51 5.79 -7.03
C MET A 200 8.04 6.83 -6.05
N GLN A 201 7.23 7.16 -5.04
CA GLN A 201 7.71 8.00 -3.96
C GLN A 201 8.06 7.20 -2.71
N TRP A 202 7.70 5.93 -2.64
CA TRP A 202 8.04 5.08 -1.51
C TRP A 202 7.80 3.62 -1.90
N SER A 203 8.19 2.73 -1.00
CA SER A 203 7.77 1.34 -0.95
C SER A 203 6.88 1.14 0.27
N VAL A 204 5.81 0.39 0.14
CA VAL A 204 5.14 -0.21 1.28
C VAL A 204 5.53 -1.69 1.28
N ASN A 205 6.20 -2.14 2.34
CA ASN A 205 6.65 -3.52 2.43
C ASN A 205 6.01 -4.23 3.60
N GLU A 206 5.59 -5.47 3.38
CA GLU A 206 5.17 -6.35 4.47
C GLU A 206 6.21 -7.45 4.65
N GLN A 207 6.73 -7.59 5.87
CA GLN A 207 7.39 -8.79 6.34
C GLN A 207 8.72 -9.11 5.66
N CYS A 208 9.43 -8.12 5.12
CA CYS A 208 10.74 -8.46 4.54
C CYS A 208 11.68 -9.03 5.60
N ALA A 209 11.53 -8.62 6.85
CA ALA A 209 12.41 -9.13 7.91
C ALA A 209 12.16 -10.61 8.15
N GLN A 210 10.89 -11.02 8.08
CA GLN A 210 10.53 -12.41 8.33
C GLN A 210 11.05 -13.34 7.24
N TYR A 211 11.21 -12.84 6.01
CA TYR A 211 11.52 -13.68 4.85
C TYR A 211 12.83 -13.33 4.17
N ASN A 212 13.73 -12.63 4.86
CA ASN A 212 15.08 -12.39 4.34
C ASN A 212 15.07 -11.63 3.03
N GLU A 213 14.22 -10.61 2.92
CA GLU A 213 14.15 -9.81 1.70
C GLU A 213 14.35 -8.31 1.90
N CYS A 214 14.81 -7.84 3.06
CA CYS A 214 14.80 -6.39 3.24
C CYS A 214 15.86 -5.71 2.37
N ASP A 215 16.94 -6.42 2.03
CA ASP A 215 17.92 -5.88 1.10
C ASP A 215 17.31 -5.51 -0.23
N THR A 216 16.29 -6.26 -0.67
CA THR A 216 15.64 -5.94 -1.94
C THR A 216 15.01 -4.55 -1.88
N TYR A 217 14.36 -4.24 -0.76
CA TYR A 217 13.62 -2.99 -0.63
C TYR A 217 14.48 -1.83 -0.16
N ALA A 218 15.70 -2.11 0.33
CA ALA A 218 16.59 -1.05 0.80
C ALA A 218 17.06 -0.12 -0.31
N VAL A 219 16.84 -0.47 -1.58
CA VAL A 219 17.18 0.44 -2.67
C VAL A 219 16.33 1.71 -2.63
N PHE A 220 15.16 1.67 -1.99
CA PHE A 220 14.35 2.89 -1.90
C PHE A 220 15.06 3.95 -1.07
N PRO A 221 15.43 3.70 0.19
CA PRO A 221 16.16 4.75 0.93
C PRO A 221 17.51 5.06 0.36
N GLN A 222 18.17 4.10 -0.29
CA GLN A 222 19.40 4.40 -1.00
C GLN A 222 19.18 5.44 -2.09
N ASN A 223 17.95 5.58 -2.57
CA ASN A 223 17.59 6.63 -3.52
C ASN A 223 16.71 7.70 -2.89
N GLY A 224 16.78 7.87 -1.57
CA GLY A 224 16.07 8.94 -0.91
C GLY A 224 14.59 8.73 -0.73
N LYS A 225 14.11 7.48 -0.79
CA LYS A 225 12.69 7.25 -0.67
C LYS A 225 12.41 6.29 0.48
N PRO A 226 11.37 6.54 1.27
CA PRO A 226 11.14 5.72 2.47
C PRO A 226 10.59 4.34 2.11
N VAL A 227 10.80 3.40 3.04
CA VAL A 227 10.09 2.13 3.03
C VAL A 227 9.14 2.15 4.22
N PHE A 228 7.86 2.14 3.93
CA PHE A 228 6.83 2.04 4.96
C PHE A 228 6.66 0.55 5.25
N HIS A 229 7.21 0.11 6.37
CA HIS A 229 7.53 -1.29 6.61
C HIS A 229 6.64 -1.85 7.71
N ILE A 230 5.94 -2.95 7.41
CA ILE A 230 5.03 -3.60 8.35
C ILE A 230 5.57 -4.98 8.71
N GLU A 231 5.54 -5.31 10.00
CA GLU A 231 5.74 -6.69 10.43
C GLU A 231 4.56 -7.11 11.29
N TYR A 232 4.26 -8.41 11.28
CA TYR A 232 3.08 -8.98 11.94
C TYR A 232 3.53 -10.07 12.90
N PRO A 233 4.14 -9.69 14.02
CA PRO A 233 4.78 -10.71 14.88
C PRO A 233 3.79 -11.63 15.60
N LYS A 234 2.52 -11.23 15.76
CA LYS A 234 1.54 -12.11 16.40
C LYS A 234 1.02 -13.19 15.47
N GLY A 235 1.38 -13.14 14.19
CA GLY A 235 0.93 -14.17 13.27
C GLY A 235 -0.35 -13.78 12.56
N ASP A 236 -0.88 -14.73 11.80
CA ASP A 236 -1.98 -14.44 10.89
C ASP A 236 -3.35 -14.73 11.46
N LYS A 237 -3.45 -15.11 12.74
CA LYS A 237 -4.74 -15.44 13.33
C LYS A 237 -5.02 -14.75 14.66
N THR A 238 -4.10 -13.92 15.15
CA THR A 238 -4.25 -13.25 16.44
C THR A 238 -4.20 -11.74 16.21
N ASN A 239 -5.27 -11.05 16.63
CA ASN A 239 -5.33 -9.61 16.59
C ASN A 239 -5.79 -9.12 17.95
N ASN A 240 -5.00 -8.28 18.60
CA ASN A 240 -5.39 -7.74 19.91
C ASN A 240 -4.55 -6.50 20.19
N ASP A 241 -4.86 -5.84 21.31
CA ASP A 241 -4.19 -4.60 21.66
C ASP A 241 -3.05 -4.82 22.65
N LEU A 242 -2.59 -6.06 22.78
CA LEU A 242 -1.51 -6.39 23.70
C LEU A 242 -0.18 -6.42 22.96
N SER A 243 0.90 -6.43 23.73
CA SER A 243 2.22 -6.21 23.14
C SER A 243 2.83 -7.50 22.64
N VAL A 244 4.05 -7.41 22.13
CA VAL A 244 4.82 -8.57 21.72
C VAL A 244 6.07 -8.65 22.58
N THR A 245 6.73 -9.80 22.53
CA THR A 245 7.95 -9.98 23.28
C THR A 245 9.06 -9.08 22.73
N ALA A 246 10.08 -8.86 23.57
CA ALA A 246 11.23 -8.08 23.12
C ALA A 246 11.92 -8.77 21.95
N SER A 247 11.96 -10.09 21.96
CA SER A 247 12.59 -10.85 20.88
C SER A 247 11.85 -10.68 19.58
N GLN A 248 10.51 -10.80 19.61
CA GLN A 248 9.71 -10.58 18.42
C GLN A 248 9.84 -9.15 17.91
N LYS A 249 9.90 -8.18 18.83
CA LYS A 249 10.09 -6.79 18.44
C LYS A 249 11.46 -6.61 17.79
N ASN A 250 12.49 -7.23 18.34
CA ASN A 250 13.83 -7.08 17.77
C ASN A 250 13.92 -7.73 16.39
N ALA A 251 13.25 -8.87 16.19
CA ALA A 251 13.25 -9.49 14.88
C ALA A 251 12.59 -8.59 13.83
N ALA A 252 11.56 -7.85 14.24
CA ALA A 252 10.85 -6.98 13.30
C ALA A 252 11.61 -5.68 13.03
N CYS A 253 12.49 -5.28 13.93
CA CYS A 253 13.02 -3.92 13.98
C CYS A 253 14.48 -3.81 13.61
N ASP A 254 15.26 -4.86 13.87
CA ASP A 254 16.70 -4.80 13.77
C ASP A 254 17.13 -5.68 12.61
N PHE A 255 17.50 -5.03 11.50
CA PHE A 255 18.02 -5.69 10.33
C PHE A 255 18.94 -4.71 9.63
N ALA A 256 19.76 -5.22 8.71
CA ALA A 256 20.70 -4.38 7.99
C ALA A 256 19.98 -3.17 7.39
N GLY A 257 20.41 -1.98 7.79
CA GLY A 257 19.83 -0.76 7.27
C GLY A 257 18.44 -0.44 7.77
N SER A 258 17.99 -1.10 8.84
CA SER A 258 16.65 -0.85 9.38
C SER A 258 16.49 0.57 9.88
N ALA A 259 17.58 1.26 10.22
CA ALA A 259 17.48 2.65 10.64
C ALA A 259 16.87 3.54 9.56
N ASN A 260 16.85 3.08 8.30
CA ASN A 260 16.24 3.84 7.22
C ASN A 260 14.84 3.38 6.88
N PHE A 261 14.36 2.27 7.47
CA PHE A 261 12.99 1.81 7.24
C PHE A 261 12.06 2.43 8.26
N SER A 262 10.85 2.77 7.82
CA SER A 262 9.82 3.31 8.71
C SER A 262 8.96 2.14 9.15
N THR A 263 9.34 1.51 10.27
CA THR A 263 8.72 0.26 10.68
C THR A 263 7.52 0.53 11.58
N VAL A 264 6.43 -0.20 11.31
CA VAL A 264 5.33 -0.35 12.27
C VAL A 264 5.15 -1.84 12.57
N ILE A 265 4.87 -2.13 13.83
CA ILE A 265 4.44 -3.45 14.25
C ILE A 265 2.92 -3.42 14.37
N LYS A 266 2.24 -4.32 13.66
CA LYS A 266 0.79 -4.24 13.53
C LYS A 266 0.16 -5.61 13.75
N ASN A 267 -1.14 -5.60 14.06
CA ASN A 267 -1.97 -6.79 13.87
C ASN A 267 -2.16 -7.07 12.39
N MET A 268 -2.36 -8.36 12.05
CA MET A 268 -2.60 -8.72 10.65
C MET A 268 -3.88 -8.07 10.11
N ASN A 269 -4.84 -7.73 10.99
CA ASN A 269 -6.05 -7.09 10.51
C ASN A 269 -5.88 -5.60 10.25
N LEU A 270 -4.71 -5.03 10.57
CA LEU A 270 -4.41 -3.62 10.35
C LEU A 270 -5.46 -2.70 10.97
N ASN A 271 -5.87 -3.02 12.20
CA ASN A 271 -6.70 -2.11 12.97
C ASN A 271 -5.82 -1.03 13.61
N ASN A 272 -6.33 -0.30 14.63
CA ASN A 272 -5.58 0.86 15.15
C ASN A 272 -4.25 0.44 15.80
N TRP A 273 -4.21 -0.70 16.49
CA TRP A 273 -3.09 -0.99 17.37
C TRP A 273 -1.77 -0.93 16.63
N VAL A 274 -0.75 -0.32 17.24
CA VAL A 274 0.56 -0.21 16.62
C VAL A 274 1.61 -0.08 17.70
N GLU A 275 2.79 -0.66 17.44
CA GLU A 275 3.97 -0.37 18.24
C GLU A 275 5.08 0.09 17.31
N TYR A 276 5.99 0.90 17.85
CA TYR A 276 7.14 1.40 17.09
C TYR A 276 8.42 0.84 17.69
N CYS A 277 9.46 0.80 16.85
CA CYS A 277 10.75 0.32 17.28
C CYS A 277 11.37 1.28 18.28
#